data_6OEB
#
_entry.id   6OEB
#
_cell.length_a   55.728
_cell.length_b   51.151
_cell.length_c   149.210
_cell.angle_alpha   90.000
_cell.angle_beta   92.770
_cell.angle_gamma   90.000
#
_symmetry.space_group_name_H-M   'I 1 2 1'
#
loop_
_entity.id
_entity.type
_entity.pdbx_description
1 polymer 'Embryonic stem cell-specific 5-hydroxymethylcytosine-binding protein'
2 polymer "DNA (5'-D(*CP*CP*AP*GP*AP*CP*GP*TP*T)-3')"
3 polymer "DNA (5'-D(*GP*TP*CP*TP*GP*G)-3')"
4 non-polymer 1,2-ETHANEDIOL
5 non-polymer 'UNKNOWN ATOM OR ION'
6 water water
#
loop_
_entity_poly.entity_id
_entity_poly.type
_entity_poly.pdbx_seq_one_letter_code
_entity_poly.pdbx_strand_id
1 'polypeptide(L)'
;CGRTSCHLPRDVLTRACAYQDRRGQQRLPEWRDPDKYCPSYNKSPQSNSPVLLSRLHFEKDADSSERIIAPMRWGLVPSW
FKESDPSKLQFNTTNCRSDTVMEKRSFKVPLGKGRRCVVLADGFYEWQRCQGTNQRQPYFIYFPQIKTEKSGSIGAADSP
ENWEKVWDNWRLLTMAGIFDCWEPPEGGDVLYSYTIITVDSCKGLSDIHHRMPAILDGEEAVSKWLDFGEVSTQEALKLI
HPTENITFHAVSSVVNNSRNNTPECLAPVAENLYFQ
;
A
2 'polydeoxyribonucleotide' (DC)(DC)(DA)(DG)(DA)(DC)(DG)(DT)(DT) B
3 'polydeoxyribonucleotide' (DG)(DT)(DC)(DT)(DG)(DG) C
#
loop_
_chem_comp.id
_chem_comp.type
_chem_comp.name
_chem_comp.formula
DA DNA linking 2'-DEOXYADENOSINE-5'-MONOPHOSPHATE 'C10 H14 N5 O6 P'
DC DNA linking 2'-DEOXYCYTIDINE-5'-MONOPHOSPHATE 'C9 H14 N3 O7 P'
DG DNA linking 2'-DEOXYGUANOSINE-5'-MONOPHOSPHATE 'C10 H14 N5 O7 P'
DT DNA linking THYMIDINE-5'-MONOPHOSPHATE 'C10 H15 N2 O8 P'
EDO non-polymer 1,2-ETHANEDIOL 'C2 H6 O2'
UNX non-polymer 'UNKNOWN ATOM OR ION' ?
#
# COMPACT_ATOMS: atom_id res chain seq x y z
N CYS A 1 10.40 -1.11 2.40
N CYS A 1 10.56 -1.45 0.71
CA CYS A 1 9.69 -0.90 1.10
CA CYS A 1 9.27 -0.87 1.18
C CYS A 1 9.29 0.57 0.95
C CYS A 1 9.24 0.66 1.02
N GLY A 2 10.09 1.28 0.17
CA GLY A 2 10.05 2.76 -0.04
C GLY A 2 9.81 3.16 -1.49
N ARG A 3 9.28 2.25 -2.31
CA ARG A 3 8.93 2.54 -3.71
C ARG A 3 7.97 1.46 -4.24
N THR A 4 6.97 1.88 -5.01
CA THR A 4 5.99 0.96 -5.64
C THR A 4 5.85 1.34 -7.11
N SER A 5 5.29 0.42 -7.90
CA SER A 5 4.55 0.73 -9.15
C SER A 5 3.05 0.63 -8.90
N CYS A 6 2.31 1.62 -9.36
CA CYS A 6 0.82 1.60 -9.45
C CYS A 6 0.38 2.38 -10.69
N HIS A 7 0.47 1.77 -11.87
CA HIS A 7 0.42 2.47 -13.19
C HIS A 7 -0.90 2.24 -13.95
N LEU A 8 -1.83 1.45 -13.43
CA LEU A 8 -3.02 1.04 -14.21
C LEU A 8 -3.97 2.22 -14.35
N PRO A 9 -4.59 2.38 -15.54
CA PRO A 9 -5.69 3.33 -15.70
C PRO A 9 -6.74 3.06 -14.61
N ARG A 10 -7.37 4.13 -14.16
CA ARG A 10 -8.26 4.06 -12.98
C ARG A 10 -9.32 2.96 -13.12
N ASP A 11 -9.99 2.86 -14.28
CA ASP A 11 -11.11 1.87 -14.42
C ASP A 11 -10.55 0.45 -14.38
N VAL A 12 -9.32 0.24 -14.86
CA VAL A 12 -8.69 -1.12 -14.85
C VAL A 12 -8.34 -1.45 -13.40
N LEU A 13 -7.87 -0.47 -12.65
CA LEU A 13 -7.53 -0.64 -11.22
C LEU A 13 -8.79 -1.03 -10.46
N THR A 14 -9.87 -0.28 -10.69
CA THR A 14 -11.15 -0.43 -9.94
C THR A 14 -11.69 -1.83 -10.19
N ARG A 15 -11.66 -2.31 -11.44
CA ARG A 15 -12.17 -3.66 -11.79
C ARG A 15 -11.30 -4.73 -11.13
N ALA A 16 -10.01 -4.49 -10.98
CA ALA A 16 -9.07 -5.40 -10.27
C ALA A 16 -9.33 -5.40 -8.75
N CYS A 17 -10.14 -4.48 -8.24
CA CYS A 17 -10.53 -4.42 -6.82
C CYS A 17 -11.97 -4.92 -6.63
N ALA A 18 -12.51 -5.60 -7.63
CA ALA A 18 -13.79 -6.32 -7.45
C ALA A 18 -13.65 -7.21 -6.20
N TYR A 19 -14.67 -7.27 -5.36
CA TYR A 19 -14.68 -8.05 -4.10
C TYR A 19 -16.13 -8.46 -3.75
N GLN A 20 -16.31 -9.18 -2.65
CA GLN A 20 -17.63 -9.57 -2.10
C GLN A 20 -17.78 -9.01 -0.69
N ASP A 21 -18.89 -8.33 -0.36
CA ASP A 21 -19.13 -7.87 1.02
C ASP A 21 -19.44 -9.11 1.87
N ARG A 22 -19.74 -8.96 3.16
CA ARG A 22 -20.04 -10.10 4.07
C ARG A 22 -21.24 -10.90 3.56
N ARG A 23 -22.19 -10.29 2.84
CA ARG A 23 -23.40 -10.99 2.29
C ARG A 23 -23.09 -11.67 0.95
N GLY A 24 -21.88 -11.52 0.39
CA GLY A 24 -21.49 -12.16 -0.88
C GLY A 24 -21.93 -11.40 -2.14
N GLN A 25 -22.39 -10.15 -2.01
CA GLN A 25 -22.66 -9.22 -3.14
C GLN A 25 -21.32 -8.89 -3.83
N GLN A 26 -21.19 -9.20 -5.13
N GLN A 26 -21.20 -9.19 -5.13
CA GLN A 26 -20.04 -8.74 -5.97
CA GLN A 26 -20.09 -8.75 -6.01
C GLN A 26 -20.16 -7.23 -6.16
C GLN A 26 -20.17 -7.22 -6.16
N ARG A 27 -19.12 -6.49 -5.78
CA ARG A 27 -19.13 -5.00 -5.81
C ARG A 27 -17.80 -4.52 -6.36
N LEU A 28 -17.77 -3.31 -6.91
CA LEU A 28 -16.52 -2.54 -7.13
C LEU A 28 -16.47 -1.52 -6.00
N PRO A 29 -15.29 -1.21 -5.43
CA PRO A 29 -15.22 -0.21 -4.38
C PRO A 29 -15.59 1.16 -4.95
N GLU A 30 -16.30 1.97 -4.14
CA GLU A 30 -16.74 3.34 -4.49
C GLU A 30 -15.52 4.26 -4.26
N TRP A 31 -15.23 5.15 -5.21
CA TRP A 31 -14.13 6.15 -5.17
C TRP A 31 -14.51 7.30 -4.25
N ARG A 32 -13.48 7.89 -3.65
CA ARG A 32 -13.42 9.26 -3.11
C ARG A 32 -12.16 9.88 -3.71
N ASP A 33 -12.23 11.17 -4.05
CA ASP A 33 -11.09 11.96 -4.56
C ASP A 33 -10.39 11.26 -5.72
N PRO A 34 -11.15 10.72 -6.70
CA PRO A 34 -10.55 10.02 -7.83
C PRO A 34 -9.64 10.91 -8.67
N ASP A 35 -9.83 12.23 -8.64
CA ASP A 35 -8.98 13.18 -9.40
C ASP A 35 -7.55 13.13 -8.88
N LYS A 36 -7.32 12.75 -7.63
CA LYS A 36 -5.94 12.62 -7.07
C LYS A 36 -5.31 11.28 -7.45
N TYR A 37 -5.97 10.43 -8.23
CA TYR A 37 -5.32 9.18 -8.69
C TYR A 37 -4.37 9.57 -9.82
N CYS A 38 -3.11 9.23 -9.64
CA CYS A 38 -1.95 9.60 -10.48
C CYS A 38 -1.20 8.32 -10.80
N PRO A 39 -1.57 7.61 -11.88
CA PRO A 39 -0.89 6.37 -12.24
C PRO A 39 0.58 6.64 -12.53
N SER A 40 1.46 5.79 -12.02
CA SER A 40 2.92 5.86 -12.32
C SER A 40 3.54 4.50 -12.05
N TYR A 41 4.58 4.15 -12.82
CA TYR A 41 5.45 2.97 -12.62
C TYR A 41 6.38 3.17 -11.42
N ASN A 42 6.49 4.40 -10.94
CA ASN A 42 7.54 4.79 -9.96
C ASN A 42 6.93 5.69 -8.86
N LYS A 43 6.25 5.11 -7.88
CA LYS A 43 5.55 5.87 -6.82
C LYS A 43 6.48 5.96 -5.61
N SER A 44 6.83 7.17 -5.19
CA SER A 44 7.74 7.40 -4.05
C SER A 44 6.92 7.91 -2.87
N PRO A 45 7.49 7.90 -1.65
CA PRO A 45 6.84 8.53 -0.49
C PRO A 45 6.58 10.00 -0.85
N GLN A 46 5.51 10.55 -0.28
CA GLN A 46 5.00 11.93 -0.53
C GLN A 46 4.06 11.94 -1.75
N SER A 47 4.08 10.93 -2.60
CA SER A 47 3.10 10.80 -3.70
C SER A 47 1.79 10.20 -3.15
N ASN A 48 0.75 10.18 -3.96
CA ASN A 48 -0.56 9.61 -3.62
C ASN A 48 -0.68 8.23 -4.28
N SER A 49 -1.12 7.23 -3.54
CA SER A 49 -1.50 5.90 -4.05
C SER A 49 -2.92 5.62 -3.60
N PRO A 50 -3.64 4.78 -4.37
CA PRO A 50 -4.99 4.38 -4.01
C PRO A 50 -4.92 3.33 -2.93
N VAL A 51 -5.80 3.48 -1.96
CA VAL A 51 -5.89 2.50 -0.87
C VAL A 51 -7.37 2.18 -0.70
N LEU A 52 -7.65 0.96 -0.25
CA LEU A 52 -8.97 0.52 0.22
C LEU A 52 -9.12 0.85 1.70
N LEU A 53 -10.27 1.39 2.11
CA LEU A 53 -10.67 1.44 3.54
C LEU A 53 -12.16 1.07 3.66
N SER A 54 -12.60 0.71 4.86
CA SER A 54 -14.02 0.43 5.16
C SER A 54 -14.89 1.63 4.80
N ARG A 55 -16.04 1.36 4.22
CA ARG A 55 -17.06 2.39 3.95
C ARG A 55 -17.41 3.12 5.25
N LEU A 56 -17.35 2.40 6.37
CA LEU A 56 -17.81 2.91 7.68
C LEU A 56 -16.91 4.04 8.16
N HIS A 57 -15.71 4.21 7.62
CA HIS A 57 -14.89 5.42 7.89
C HIS A 57 -15.55 6.66 7.29
N PHE A 58 -16.41 6.50 6.28
CA PHE A 58 -16.91 7.66 5.49
C PHE A 58 -18.42 7.86 5.68
N GLU A 59 -19.19 6.78 5.90
CA GLU A 59 -20.68 6.81 5.91
C GLU A 59 -21.20 6.21 7.22
N LYS A 60 -21.94 6.99 8.03
CA LYS A 60 -22.58 6.51 9.28
C LYS A 60 -23.38 5.23 8.96
N ASP A 61 -23.30 4.24 9.82
CA ASP A 61 -24.18 3.02 9.81
C ASP A 61 -23.91 2.16 8.57
N ALA A 62 -22.82 2.37 7.85
CA ALA A 62 -22.49 1.59 6.64
C ALA A 62 -22.18 0.16 7.04
N ASP A 63 -22.33 -0.76 6.14
CA ASP A 63 -21.75 -2.12 6.27
C ASP A 63 -20.23 -1.96 6.20
N SER A 64 -19.56 -2.25 7.30
CA SER A 64 -18.09 -2.09 7.46
C SER A 64 -17.34 -3.02 6.50
N SER A 65 -17.98 -4.03 5.92
CA SER A 65 -17.34 -4.94 4.91
C SER A 65 -17.41 -4.35 3.49
N GLU A 66 -18.09 -3.21 3.31
CA GLU A 66 -18.07 -2.49 2.03
C GLU A 66 -16.83 -1.60 2.02
N ARG A 67 -16.31 -1.37 0.82
CA ARG A 67 -14.97 -0.81 0.60
C ARG A 67 -15.09 0.51 -0.16
N ILE A 68 -14.31 1.49 0.26
CA ILE A 68 -14.00 2.73 -0.49
C ILE A 68 -12.58 2.58 -1.02
N ILE A 69 -12.32 3.14 -2.19
CA ILE A 69 -10.96 3.30 -2.77
C ILE A 69 -10.72 4.80 -2.86
N ALA A 70 -9.56 5.26 -2.39
CA ALA A 70 -9.22 6.69 -2.29
C ALA A 70 -7.71 6.89 -2.38
N PRO A 71 -7.25 7.91 -3.14
CA PRO A 71 -5.83 8.28 -3.12
C PRO A 71 -5.47 8.79 -1.72
N MET A 72 -4.37 8.33 -1.15
CA MET A 72 -3.84 8.88 0.12
C MET A 72 -2.35 9.21 -0.05
N ARG A 73 -1.86 10.10 0.81
CA ARG A 73 -0.45 10.57 0.82
C ARG A 73 0.40 9.49 1.49
N TRP A 74 1.42 8.99 0.80
CA TRP A 74 2.40 8.02 1.37
C TRP A 74 3.34 8.77 2.30
N GLY A 75 3.23 8.49 3.59
CA GLY A 75 3.97 9.16 4.67
C GLY A 75 2.99 9.70 5.69
N LEU A 76 2.68 8.89 6.69
CA LEU A 76 1.59 9.19 7.64
C LEU A 76 1.95 10.49 8.36
N VAL A 77 1.02 11.44 8.32
CA VAL A 77 1.09 12.73 9.02
C VAL A 77 0.14 12.61 10.20
N PRO A 78 0.63 12.55 11.46
CA PRO A 78 -0.26 12.35 12.60
C PRO A 78 -1.22 13.54 12.73
N SER A 79 -2.39 13.29 13.31
CA SER A 79 -3.46 14.31 13.57
C SER A 79 -2.86 15.53 14.27
N TRP A 80 -2.08 15.31 15.33
CA TRP A 80 -1.57 16.36 16.26
C TRP A 80 -0.51 17.26 15.59
N PHE A 81 0.08 16.86 14.46
CA PHE A 81 1.24 17.56 13.85
C PHE A 81 0.93 19.05 13.68
N LYS A 82 1.87 19.94 13.99
CA LYS A 82 1.55 21.37 14.30
C LYS A 82 1.93 22.33 13.16
N GLU A 83 2.91 22.00 12.32
CA GLU A 83 3.44 22.92 11.26
C GLU A 83 2.40 23.08 10.14
N SER A 84 2.66 23.98 9.18
CA SER A 84 1.70 24.32 8.09
C SER A 84 1.70 23.20 7.03
N ASP A 85 2.88 22.62 6.81
CA ASP A 85 3.21 21.79 5.64
C ASP A 85 3.59 20.39 6.12
N PRO A 86 2.92 19.33 5.61
CA PRO A 86 3.30 17.94 5.92
C PRO A 86 4.79 17.57 5.80
N SER A 87 5.51 18.20 4.88
CA SER A 87 6.88 17.81 4.48
C SER A 87 7.89 18.19 5.56
N LYS A 88 7.51 19.12 6.43
CA LYS A 88 8.27 19.52 7.65
C LYS A 88 8.37 18.37 8.68
N LEU A 89 7.58 17.29 8.57
CA LEU A 89 7.67 16.14 9.50
C LEU A 89 9.14 15.69 9.60
N GLN A 90 9.65 15.49 10.82
CA GLN A 90 11.10 15.28 11.11
C GLN A 90 11.37 13.81 11.43
N PHE A 91 10.37 12.96 11.33
CA PHE A 91 10.56 11.49 11.49
C PHE A 91 9.87 10.82 10.31
N ASN A 92 10.36 9.63 9.93
CA ASN A 92 9.93 8.88 8.73
C ASN A 92 8.72 8.03 9.12
N THR A 93 7.60 8.23 8.46
CA THR A 93 6.37 7.42 8.63
C THR A 93 6.02 6.77 7.29
N THR A 94 7.01 6.63 6.40
CA THR A 94 6.90 5.83 5.14
C THR A 94 6.47 4.42 5.52
N ASN A 95 7.01 3.92 6.63
CA ASN A 95 6.83 2.51 7.08
C ASN A 95 6.56 2.52 8.58
N CYS A 96 6.06 1.38 9.05
CA CYS A 96 5.65 1.13 10.44
C CYS A 96 5.98 -0.33 10.73
N ARG A 97 7.03 -0.56 11.52
CA ARG A 97 7.49 -1.91 11.94
C ARG A 97 6.32 -2.63 12.65
N SER A 98 6.01 -3.88 12.30
CA SER A 98 4.90 -4.64 12.93
C SER A 98 5.25 -4.97 14.38
N ASP A 99 6.53 -5.26 14.64
CA ASP A 99 6.98 -5.78 15.97
C ASP A 99 6.67 -4.74 17.04
N THR A 100 6.79 -3.44 16.77
CA THR A 100 6.68 -2.35 17.77
C THR A 100 5.41 -1.48 17.62
N VAL A 101 4.49 -1.85 16.73
CA VAL A 101 3.39 -0.94 16.28
C VAL A 101 2.57 -0.43 17.47
N MET A 102 2.29 -1.27 18.47
CA MET A 102 1.42 -0.93 19.63
C MET A 102 2.12 0.06 20.57
N GLU A 103 3.45 0.20 20.49
CA GLU A 103 4.25 1.10 21.35
C GLU A 103 4.52 2.43 20.64
N LYS A 104 4.14 2.60 19.37
CA LYS A 104 4.51 3.80 18.59
C LYS A 104 3.39 4.84 18.60
N ARG A 105 3.68 6.00 19.17
CA ARG A 105 2.75 7.15 19.32
C ARG A 105 2.02 7.43 18.00
N SER A 106 2.76 7.51 16.89
CA SER A 106 2.29 7.95 15.54
C SER A 106 1.33 6.94 14.91
N PHE A 107 1.33 5.68 15.35
CA PHE A 107 0.64 4.54 14.69
C PHE A 107 -0.45 3.92 15.57
N LYS A 108 -0.16 3.69 16.85
CA LYS A 108 -1.10 3.12 17.85
C LYS A 108 -2.41 3.92 17.86
N VAL A 109 -2.36 5.23 17.92
CA VAL A 109 -3.61 6.06 18.10
C VAL A 109 -4.51 5.81 16.89
N PRO A 110 -4.07 6.13 15.65
CA PRO A 110 -4.86 5.84 14.45
C PRO A 110 -5.20 4.36 14.30
N LEU A 111 -4.29 3.44 14.62
CA LEU A 111 -4.65 2.00 14.57
C LEU A 111 -5.85 1.78 15.49
N GLY A 112 -5.80 2.41 16.67
CA GLY A 112 -6.78 2.23 17.75
C GLY A 112 -8.15 2.70 17.32
N LYS A 113 -8.18 3.73 16.47
CA LYS A 113 -9.43 4.30 15.87
C LYS A 113 -9.91 3.49 14.65
N GLY A 114 -9.33 2.33 14.36
CA GLY A 114 -9.75 1.43 13.26
C GLY A 114 -9.23 1.83 11.88
N ARG A 115 -8.26 2.75 11.81
CA ARG A 115 -7.79 3.34 10.53
C ARG A 115 -6.76 2.43 9.89
N ARG A 116 -7.21 1.21 9.60
CA ARG A 116 -6.52 0.19 8.80
C ARG A 116 -6.92 0.37 7.32
N CYS A 117 -5.94 0.49 6.43
CA CYS A 117 -6.20 0.52 4.98
C CYS A 117 -5.34 -0.51 4.29
N VAL A 118 -5.65 -0.78 3.02
CA VAL A 118 -4.90 -1.73 2.16
C VAL A 118 -4.29 -0.90 1.05
N VAL A 119 -2.97 -0.86 1.02
CA VAL A 119 -2.23 -0.09 0.00
C VAL A 119 -2.10 -0.96 -1.25
N LEU A 120 -2.49 -0.41 -2.39
CA LEU A 120 -2.52 -1.13 -3.67
C LEU A 120 -1.25 -0.77 -4.42
N ALA A 121 -0.72 -1.74 -5.15
CA ALA A 121 0.38 -1.54 -6.09
C ALA A 121 0.35 -2.69 -7.08
N ASP A 122 1.00 -2.48 -8.21
CA ASP A 122 1.37 -3.54 -9.18
C ASP A 122 2.32 -4.47 -8.43
N GLY A 123 3.25 -3.85 -7.74
CA GLY A 123 4.26 -4.51 -6.91
C GLY A 123 5.14 -3.46 -6.26
N PHE A 124 6.17 -3.86 -5.56
CA PHE A 124 7.09 -2.88 -4.93
C PHE A 124 8.49 -3.16 -5.46
N TYR A 125 9.36 -2.17 -5.33
CA TYR A 125 10.80 -2.32 -5.62
C TYR A 125 11.59 -2.40 -4.31
N GLU A 126 12.66 -3.21 -4.34
CA GLU A 126 13.70 -3.21 -3.27
C GLU A 126 15.07 -3.14 -3.93
N TRP A 127 16.00 -2.48 -3.25
CA TRP A 127 17.42 -2.42 -3.69
C TRP A 127 18.24 -3.37 -2.83
N GLN A 128 18.88 -4.33 -3.48
CA GLN A 128 19.78 -5.33 -2.85
C GLN A 128 21.15 -4.70 -2.58
N ARG A 129 21.56 -4.67 -1.32
CA ARG A 129 22.95 -4.37 -0.88
C ARG A 129 23.72 -5.68 -1.00
N CYS A 130 24.81 -5.68 -1.75
CA CYS A 130 25.66 -6.87 -2.00
C CYS A 130 27.03 -6.57 -1.39
N GLN A 131 27.67 -7.57 -0.80
CA GLN A 131 28.94 -7.40 -0.02
C GLN A 131 30.04 -6.76 -0.90
N GLY A 132 30.78 -5.82 -0.32
CA GLY A 132 31.99 -5.21 -0.89
C GLY A 132 31.75 -4.45 -2.18
N THR A 133 30.51 -4.01 -2.45
CA THR A 133 30.22 -3.02 -3.52
C THR A 133 29.10 -2.07 -3.10
N ASN A 134 29.22 -0.80 -3.51
CA ASN A 134 28.21 0.28 -3.31
C ASN A 134 27.10 0.19 -4.37
N GLN A 135 27.30 -0.61 -5.41
CA GLN A 135 26.27 -0.84 -6.45
C GLN A 135 25.10 -1.53 -5.76
N ARG A 136 23.89 -1.00 -5.94
CA ARG A 136 22.67 -1.64 -5.38
C ARG A 136 21.90 -2.22 -6.57
N GLN A 137 21.36 -3.43 -6.46
CA GLN A 137 20.60 -4.07 -7.57
C GLN A 137 19.10 -3.92 -7.27
N PRO A 138 18.35 -3.11 -8.04
CA PRO A 138 16.89 -3.07 -7.90
C PRO A 138 16.16 -4.34 -8.40
N TYR A 139 15.16 -4.74 -7.62
CA TYR A 139 14.18 -5.80 -7.92
C TYR A 139 12.76 -5.22 -7.89
N PHE A 140 11.91 -5.74 -8.77
CA PHE A 140 10.43 -5.60 -8.77
C PHE A 140 9.87 -6.87 -8.16
N ILE A 141 8.98 -6.73 -7.19
CA ILE A 141 8.48 -7.84 -6.35
C ILE A 141 6.94 -7.77 -6.34
N TYR A 142 6.28 -8.92 -6.52
CA TYR A 142 4.83 -9.00 -6.84
C TYR A 142 4.28 -10.39 -6.52
N PHE A 143 2.95 -10.48 -6.35
CA PHE A 143 2.20 -11.76 -6.28
C PHE A 143 2.54 -12.57 -7.53
N PRO A 144 2.77 -13.88 -7.43
CA PRO A 144 2.79 -14.73 -8.62
C PRO A 144 1.57 -14.41 -9.52
N GLN A 145 1.75 -14.36 -10.83
CA GLN A 145 0.70 -13.96 -11.81
C GLN A 145 0.31 -15.18 -12.68
N ILE A 146 -0.88 -15.16 -13.31
CA ILE A 146 -1.44 -16.23 -14.19
C ILE A 146 -0.33 -16.76 -15.13
N LYS A 147 -0.14 -18.07 -15.19
CA LYS A 147 1.05 -18.75 -15.81
C LYS A 147 0.74 -19.08 -17.27
N PRO A 160 3.32 -6.36 -27.43
CA PRO A 160 2.21 -5.41 -27.21
C PRO A 160 0.82 -6.07 -27.28
N GLU A 161 0.78 -7.34 -27.70
CA GLU A 161 -0.42 -8.23 -27.63
C GLU A 161 -0.51 -8.84 -26.22
N ASN A 162 0.59 -9.45 -25.75
CA ASN A 162 0.74 -10.10 -24.41
C ASN A 162 0.60 -9.05 -23.29
N TRP A 163 1.27 -7.90 -23.46
CA TRP A 163 1.29 -6.74 -22.53
C TRP A 163 -0.14 -6.41 -22.05
N GLU A 164 -1.05 -6.04 -22.96
CA GLU A 164 -2.47 -5.72 -22.66
C GLU A 164 -3.12 -6.88 -21.88
N LYS A 165 -2.86 -8.15 -22.27
CA LYS A 165 -3.49 -9.37 -21.69
C LYS A 165 -3.04 -9.52 -20.22
N VAL A 166 -1.72 -9.56 -20.03
CA VAL A 166 -1.05 -9.60 -18.69
C VAL A 166 -1.72 -8.58 -17.76
N TRP A 167 -1.67 -7.29 -18.12
CA TRP A 167 -2.08 -6.19 -17.21
C TRP A 167 -3.60 -6.19 -16.96
N ASP A 168 -4.39 -6.74 -17.88
CA ASP A 168 -5.85 -6.85 -17.68
C ASP A 168 -6.07 -7.87 -16.54
N ASN A 169 -5.25 -8.93 -16.49
CA ASN A 169 -5.39 -10.04 -15.52
C ASN A 169 -4.47 -9.89 -14.29
N TRP A 170 -3.80 -8.75 -14.12
CA TRP A 170 -2.79 -8.53 -13.05
C TRP A 170 -3.45 -8.63 -11.67
N ARG A 171 -2.90 -9.46 -10.79
CA ARG A 171 -3.31 -9.51 -9.37
C ARG A 171 -2.54 -8.43 -8.64
N LEU A 172 -3.24 -7.39 -8.20
CA LEU A 172 -2.61 -6.24 -7.49
C LEU A 172 -2.05 -6.74 -6.17
N LEU A 173 -0.92 -6.16 -5.76
CA LEU A 173 -0.34 -6.40 -4.43
C LEU A 173 -1.17 -5.61 -3.43
N THR A 174 -1.58 -6.26 -2.35
CA THR A 174 -2.43 -5.72 -1.27
C THR A 174 -1.60 -5.65 0.03
N MET A 175 -1.12 -4.46 0.39
CA MET A 175 -0.22 -4.28 1.55
C MET A 175 -1.01 -3.71 2.74
N ALA A 176 -0.78 -4.23 3.96
CA ALA A 176 -1.45 -3.73 5.18
C ALA A 176 -0.91 -2.35 5.52
N GLY A 177 -1.77 -1.37 5.65
CA GLY A 177 -1.37 0.01 5.97
C GLY A 177 -2.17 0.53 7.15
N ILE A 178 -1.69 1.64 7.69
CA ILE A 178 -2.41 2.44 8.70
C ILE A 178 -2.45 3.84 8.12
N PHE A 179 -3.54 4.55 8.35
CA PHE A 179 -3.72 5.93 7.83
C PHE A 179 -4.14 6.82 8.98
N ASP A 180 -3.89 8.11 8.87
CA ASP A 180 -4.36 9.09 9.87
C ASP A 180 -4.93 10.29 9.10
N CYS A 181 -5.67 11.13 9.81
CA CYS A 181 -6.37 12.31 9.25
C CYS A 181 -5.82 13.56 9.92
N TRP A 182 -5.39 14.53 9.12
CA TRP A 182 -4.73 15.78 9.60
C TRP A 182 -5.40 17.02 9.00
N GLU A 183 -5.91 17.92 9.84
CA GLU A 183 -6.44 19.25 9.41
C GLU A 183 -5.28 20.23 9.31
N PRO A 184 -4.90 20.69 8.10
CA PRO A 184 -3.84 21.71 8.00
C PRO A 184 -4.20 22.86 8.93
N PRO A 185 -3.28 23.37 9.79
CA PRO A 185 -3.59 24.52 10.65
C PRO A 185 -4.13 25.66 9.78
N GLU A 186 -3.40 25.99 8.71
CA GLU A 186 -3.67 27.09 7.75
C GLU A 186 -5.06 26.94 7.13
N GLY A 187 -5.55 25.71 6.98
CA GLY A 187 -6.87 25.40 6.40
C GLY A 187 -6.71 24.72 5.05
N GLY A 188 -7.64 23.81 4.74
CA GLY A 188 -7.64 23.00 3.51
C GLY A 188 -8.44 21.73 3.69
N ASP A 189 -8.42 20.87 2.67
CA ASP A 189 -8.95 19.47 2.78
C ASP A 189 -8.26 18.79 3.96
N VAL A 190 -8.98 17.93 4.67
CA VAL A 190 -8.35 16.90 5.54
C VAL A 190 -7.32 16.15 4.68
N LEU A 191 -6.12 15.98 5.20
CA LEU A 191 -5.10 15.07 4.64
C LEU A 191 -5.34 13.67 5.19
N TYR A 192 -5.60 12.72 4.31
CA TYR A 192 -5.51 11.27 4.60
C TYR A 192 -4.13 10.81 4.17
N SER A 193 -3.36 10.25 5.10
CA SER A 193 -1.98 9.77 4.82
C SER A 193 -1.78 8.37 5.41
N TYR A 194 -0.87 7.61 4.82
CA TYR A 194 -0.69 6.19 5.19
C TYR A 194 0.79 5.86 5.37
N THR A 195 0.98 4.80 6.13
CA THR A 195 2.26 4.11 6.30
C THR A 195 1.99 2.66 5.88
N ILE A 196 2.99 2.04 5.28
CA ILE A 196 2.97 0.58 4.97
C ILE A 196 3.68 -0.17 6.10
N ILE A 197 2.97 -1.10 6.72
CA ILE A 197 3.53 -1.92 7.82
C ILE A 197 4.64 -2.79 7.21
N THR A 198 5.75 -2.92 7.94
CA THR A 198 6.89 -3.80 7.56
C THR A 198 6.98 -4.98 8.53
N VAL A 199 7.52 -6.07 8.02
CA VAL A 199 7.82 -7.32 8.75
C VAL A 199 9.19 -7.82 8.27
N ASP A 200 9.71 -8.87 8.90
CA ASP A 200 10.94 -9.56 8.45
C ASP A 200 10.69 -10.10 7.06
N SER A 201 11.66 -9.95 6.17
CA SER A 201 11.60 -10.57 4.83
C SER A 201 11.53 -12.09 4.99
N CYS A 202 10.77 -12.74 4.12
CA CYS A 202 10.61 -14.21 4.05
C CYS A 202 11.92 -14.81 3.53
N LYS A 203 12.02 -16.14 3.48
CA LYS A 203 13.22 -16.82 2.93
C LYS A 203 13.40 -16.41 1.47
N GLY A 204 12.34 -16.47 0.65
CA GLY A 204 12.37 -16.05 -0.77
C GLY A 204 13.08 -14.72 -0.98
N LEU A 205 12.89 -13.73 -0.10
CA LEU A 205 13.35 -12.32 -0.28
C LEU A 205 14.61 -11.97 0.53
N SER A 206 15.10 -12.87 1.38
CA SER A 206 16.09 -12.57 2.45
C SER A 206 17.46 -12.26 1.86
N ASP A 207 17.77 -12.73 0.66
CA ASP A 207 19.06 -12.36 0.00
C ASP A 207 18.91 -11.01 -0.72
N ILE A 208 17.73 -10.40 -0.68
CA ILE A 208 17.46 -9.11 -1.35
C ILE A 208 17.45 -8.02 -0.29
N HIS A 209 16.77 -8.25 0.83
CA HIS A 209 16.55 -7.21 1.87
C HIS A 209 15.96 -7.87 3.10
N HIS A 210 16.33 -7.40 4.29
CA HIS A 210 15.92 -8.01 5.59
C HIS A 210 14.45 -7.65 5.87
N ARG A 211 13.92 -6.58 5.27
CA ARG A 211 12.53 -6.09 5.50
C ARG A 211 11.65 -6.33 4.27
N MET A 212 10.36 -6.58 4.49
CA MET A 212 9.35 -6.61 3.42
C MET A 212 8.06 -5.96 3.94
N PRO A 213 7.19 -5.49 3.03
CA PRO A 213 5.89 -5.00 3.45
C PRO A 213 5.07 -6.17 4.00
N ALA A 214 4.15 -5.87 4.92
CA ALA A 214 3.10 -6.79 5.40
C ALA A 214 2.08 -6.97 4.27
N ILE A 215 2.11 -8.11 3.59
CA ILE A 215 1.21 -8.42 2.47
C ILE A 215 0.01 -9.19 3.01
N LEU A 216 -1.20 -8.73 2.71
CA LEU A 216 -2.45 -9.45 2.97
C LEU A 216 -2.74 -10.29 1.73
N ASP A 217 -2.64 -11.62 1.87
CA ASP A 217 -2.69 -12.55 0.72
C ASP A 217 -4.11 -13.10 0.63
N GLY A 218 -4.93 -12.53 -0.25
CA GLY A 218 -6.28 -13.01 -0.55
C GLY A 218 -7.34 -12.19 0.13
N GLU A 219 -8.60 -12.46 -0.19
CA GLU A 219 -9.75 -11.61 0.18
C GLU A 219 -10.11 -11.78 1.66
N GLU A 220 -9.85 -12.93 2.29
CA GLU A 220 -10.13 -13.08 3.74
C GLU A 220 -9.24 -12.08 4.51
N ALA A 221 -7.95 -12.04 4.20
CA ALA A 221 -6.95 -11.20 4.91
C ALA A 221 -7.30 -9.73 4.66
N VAL A 222 -7.55 -9.40 3.40
CA VAL A 222 -7.85 -7.99 3.00
C VAL A 222 -9.11 -7.56 3.76
N SER A 223 -10.11 -8.44 3.81
CA SER A 223 -11.45 -8.14 4.39
C SER A 223 -11.32 -7.88 5.88
N LYS A 224 -10.66 -8.79 6.61
CA LYS A 224 -10.49 -8.74 8.09
C LYS A 224 -9.66 -7.50 8.44
N TRP A 225 -8.66 -7.17 7.62
CA TRP A 225 -7.85 -5.96 7.90
C TRP A 225 -8.70 -4.70 7.72
N LEU A 226 -9.59 -4.68 6.71
CA LEU A 226 -10.36 -3.47 6.33
C LEU A 226 -11.43 -3.22 7.40
N ASP A 227 -11.98 -4.32 7.92
CA ASP A 227 -13.24 -4.36 8.69
C ASP A 227 -12.97 -4.03 10.17
N PHE A 228 -12.67 -2.79 10.47
CA PHE A 228 -12.50 -2.35 11.87
C PHE A 228 -13.85 -2.44 12.61
N GLY A 229 -14.94 -2.77 11.89
CA GLY A 229 -16.26 -2.92 12.51
C GLY A 229 -16.32 -4.20 13.30
N GLU A 230 -15.88 -5.31 12.71
CA GLU A 230 -16.03 -6.68 13.24
C GLU A 230 -14.69 -7.24 13.71
N VAL A 231 -13.55 -6.62 13.39
CA VAL A 231 -12.20 -7.22 13.64
C VAL A 231 -11.36 -6.26 14.47
N SER A 232 -11.10 -6.62 15.73
CA SER A 232 -10.29 -5.83 16.71
C SER A 232 -8.84 -5.69 16.22
N THR A 233 -8.15 -4.70 16.76
CA THR A 233 -6.70 -4.53 16.54
C THR A 233 -6.02 -5.87 16.78
N GLN A 234 -6.23 -6.45 17.96
CA GLN A 234 -5.58 -7.73 18.36
C GLN A 234 -5.83 -8.78 17.26
N GLU A 235 -7.07 -8.92 16.78
CA GLU A 235 -7.36 -9.92 15.71
C GLU A 235 -6.69 -9.47 14.39
N ALA A 236 -6.79 -8.20 14.03
CA ALA A 236 -6.19 -7.66 12.79
C ALA A 236 -4.68 -7.94 12.77
N LEU A 237 -3.97 -7.67 13.85
CA LEU A 237 -2.48 -7.79 13.90
C LEU A 237 -2.02 -9.23 13.64
N LYS A 238 -2.90 -10.23 13.79
CA LYS A 238 -2.57 -11.65 13.48
C LYS A 238 -2.37 -11.85 11.97
N LEU A 239 -2.90 -10.94 11.15
CA LEU A 239 -2.80 -11.05 9.67
C LEU A 239 -1.45 -10.53 9.22
N ILE A 240 -0.74 -9.83 10.12
CA ILE A 240 0.54 -9.11 9.83
C ILE A 240 1.71 -10.07 10.05
N HIS A 241 2.37 -10.50 8.98
CA HIS A 241 3.50 -11.45 9.01
C HIS A 241 4.05 -11.54 7.61
N PRO A 242 5.22 -12.18 7.42
CA PRO A 242 5.75 -12.36 6.08
C PRO A 242 4.87 -13.34 5.31
N THR A 243 5.16 -13.45 4.01
CA THR A 243 4.58 -14.44 3.09
C THR A 243 5.69 -14.85 2.15
N GLU A 244 5.72 -16.15 1.78
CA GLU A 244 6.64 -16.74 0.78
C GLU A 244 5.98 -16.65 -0.60
N ASN A 245 4.67 -16.34 -0.64
CA ASN A 245 3.84 -16.31 -1.86
C ASN A 245 4.13 -15.00 -2.61
N ILE A 246 5.31 -14.93 -3.17
CA ILE A 246 5.89 -13.68 -3.69
C ILE A 246 6.90 -14.12 -4.73
N THR A 247 7.02 -13.36 -5.81
CA THR A 247 8.05 -13.56 -6.85
C THR A 247 8.61 -12.18 -7.21
N PHE A 248 9.65 -12.17 -8.03
CA PHE A 248 10.45 -10.96 -8.30
C PHE A 248 11.34 -11.22 -9.50
N HIS A 249 11.85 -10.16 -10.09
CA HIS A 249 12.94 -10.19 -11.08
C HIS A 249 13.73 -8.88 -10.95
N ALA A 250 15.00 -8.92 -11.33
CA ALA A 250 15.91 -7.77 -11.30
C ALA A 250 15.45 -6.78 -12.38
N VAL A 251 15.59 -5.47 -12.13
CA VAL A 251 15.13 -4.42 -13.09
C VAL A 251 16.28 -3.43 -13.26
N SER A 252 16.25 -2.64 -14.34
CA SER A 252 17.34 -1.69 -14.67
C SER A 252 17.35 -0.63 -13.58
N SER A 253 18.36 0.22 -13.60
CA SER A 253 18.55 1.32 -12.64
C SER A 253 17.65 2.49 -13.03
N VAL A 254 16.83 2.31 -14.07
CA VAL A 254 15.93 3.39 -14.55
C VAL A 254 15.02 3.78 -13.38
N VAL A 255 14.57 2.79 -12.60
CA VAL A 255 13.62 2.97 -11.45
C VAL A 255 14.22 3.94 -10.41
N ASN A 256 15.54 3.92 -10.25
CA ASN A 256 16.29 4.59 -9.15
C ASN A 256 15.82 6.04 -9.00
N ASN A 257 15.82 6.81 -10.08
CA ASN A 257 15.33 8.21 -10.06
C ASN A 257 13.79 8.19 -10.13
N SER A 258 13.12 8.67 -9.07
CA SER A 258 11.63 8.60 -8.94
C SER A 258 10.93 9.45 -10.00
N ARG A 259 11.65 10.36 -10.68
CA ARG A 259 11.14 11.12 -11.86
C ARG A 259 10.90 10.19 -13.05
N ASN A 260 11.61 9.05 -13.17
CA ASN A 260 11.47 8.14 -14.33
C ASN A 260 10.18 7.32 -14.19
N ASN A 261 9.15 7.70 -14.95
CA ASN A 261 7.86 7.00 -14.95
C ASN A 261 7.65 6.39 -16.33
N THR A 262 8.14 5.17 -16.55
CA THR A 262 8.03 4.45 -17.83
C THR A 262 7.95 2.96 -17.56
N PRO A 263 7.50 2.16 -18.53
CA PRO A 263 7.45 0.72 -18.38
C PRO A 263 8.82 0.10 -18.10
N GLU A 264 9.89 0.78 -18.54
CA GLU A 264 11.29 0.27 -18.42
C GLU A 264 11.58 0.07 -16.92
N CYS A 265 10.94 0.84 -16.05
CA CYS A 265 11.12 0.77 -14.57
C CYS A 265 10.97 -0.67 -14.09
N LEU A 266 9.98 -1.41 -14.60
CA LEU A 266 9.72 -2.78 -14.07
C LEU A 266 10.01 -3.85 -15.13
N ALA A 267 10.48 -3.50 -16.33
CA ALA A 267 11.02 -4.45 -17.34
C ALA A 267 12.13 -5.32 -16.74
N PRO A 268 12.08 -6.67 -16.91
CA PRO A 268 13.23 -7.55 -16.66
C PRO A 268 14.50 -7.18 -17.44
N VAL A 269 15.68 -7.67 -17.03
CA VAL A 269 16.94 -7.48 -17.82
C VAL A 269 17.68 -8.82 -17.94
C1 EDO D . -5.23 12.79 0.68
O1 EDO D . -6.09 13.48 1.58
C2 EDO D . -4.96 13.58 -0.53
O2 EDO D . -3.70 14.24 -0.48
C1 EDO E . -9.91 12.13 0.97
O1 EDO E . -10.94 11.20 0.73
C2 EDO E . -8.60 11.53 0.68
O2 EDO E . -8.53 11.03 -0.64
C1 EDO F . -8.54 -5.61 -3.85
O1 EDO F . -9.65 -6.48 -4.00
C2 EDO F . -7.25 -6.19 -4.29
O2 EDO F . -7.09 -6.35 -5.69
C1 EDO G . 1.13 4.53 -16.61
O1 EDO G . 0.96 5.36 -17.74
C2 EDO G . 1.81 5.31 -15.57
O2 EDO G . 2.24 6.54 -16.10
C1 EDO H . -14.09 14.65 -7.27
O1 EDO H . -14.11 14.17 -5.96
C2 EDO H . -12.72 15.03 -7.67
O2 EDO H . -11.76 14.00 -7.41
UNK UNX I . -11.26 -1.43 15.99
UNK UNX J . -14.53 -4.67 17.42
UNK UNX K . -13.14 2.38 16.57
UNK UNX L . -15.48 0.38 -14.26
UNK UNX M . -15.42 1.88 -12.48
UNK UNX N . 17.70 -13.17 -4.55
UNK UNX O . -27.31 -7.13 -0.26
UNK UNX P . 6.18 -8.14 -27.08
UNK UNX Q . -16.18 2.79 -8.52
UNK UNX R . -17.41 5.21 -7.71
UNK UNX S . 10.84 12.76 16.27
C1 EDO T . 6.32 7.14 33.57
O1 EDO T . 5.05 7.57 34.02
C2 EDO T . 7.06 8.22 32.84
O2 EDO T . 6.73 9.52 33.31
#